data_6Y0Q
#
_entry.id   6Y0Q
#
_cell.length_a   36.399
_cell.length_b   39.078
_cell.length_c   40.840
_cell.angle_alpha   78.990
_cell.angle_beta   78.040
_cell.angle_gamma   66.880
#
_symmetry.space_group_name_H-M   'P 1'
#
loop_
_entity.id
_entity.type
_entity.pdbx_description
1 polymer 'Alpha-ketoglutarate-dependent dioxygenase AlkB'
2 non-polymer '2-OXOGLUTARIC ACID'
3 non-polymer 'FE (III) ION'
4 non-polymer '[(3~{S},5~{R})-5-(6-azanyl-1-methyl-purin-9-yl)-2-(phosphonooxymethyl)oxolan-3-yl] [(2~{R},3~{S},5~{R})-5-[5-methyl-2,4-bis(oxidanylidene)pyrimidin-1-yl]-3-oxidanyl-oxolan-2-yl]methyl hydrogen phosphate'
5 water water
#
_entity_poly.entity_id   1
_entity_poly.type   'polypeptide(L)'
_entity_poly.pdbx_seq_one_letter_code
;MLDLFADAEPWQEPLAAGAVILRRFAFNAAEQLIRDINDVASQSPFRQMVTPGGYTMSVAMTNCGHLGWTTHRQGYLYSP
IDPQTNKPWPAMPQSFHNLCQRAATAAGYPDFQPDACLINRYAPGAKLSLHQDKDEPDLRAPIVSVSLGLPAIFQFGGLK
RNDPLKRLLLEHGDVVVWGGESRLFYHGIQPLKAGFHPLTIDCRYNLTFRQAGKKE
;
_entity_poly.pdbx_strand_id   A
#
# COMPACT_ATOMS: atom_id res chain seq x y z
N LEU A 15 -14.46 -3.43 -12.83
CA LEU A 15 -15.62 -2.56 -12.70
C LEU A 15 -15.60 -1.83 -11.36
N ALA A 16 -14.80 -0.77 -11.28
CA ALA A 16 -14.64 -0.01 -10.05
C ALA A 16 -14.62 1.48 -10.39
N ALA A 17 -15.70 2.18 -10.07
CA ALA A 17 -15.85 3.58 -10.42
C ALA A 17 -14.74 4.42 -9.80
N GLY A 18 -13.99 5.12 -10.65
CA GLY A 18 -12.94 6.00 -10.20
C GLY A 18 -11.56 5.38 -10.22
N ALA A 19 -11.47 4.05 -10.35
CA ALA A 19 -10.18 3.37 -10.35
C ALA A 19 -9.55 3.40 -11.73
N VAL A 20 -8.24 3.56 -11.77
CA VAL A 20 -7.48 3.51 -13.01
C VAL A 20 -6.41 2.44 -12.85
N ILE A 21 -6.52 1.36 -13.62
CA ILE A 21 -5.59 0.24 -13.56
C ILE A 21 -4.56 0.41 -14.67
N LEU A 22 -3.30 0.49 -14.29
CA LEU A 22 -2.17 0.68 -15.19
C LEU A 22 -1.32 -0.58 -15.13
N ARG A 23 -1.61 -1.55 -15.99
CA ARG A 23 -0.96 -2.85 -15.87
C ARG A 23 0.49 -2.76 -16.35
N ARG A 24 1.39 -3.35 -15.55
CA ARG A 24 2.82 -3.39 -15.83
C ARG A 24 3.44 -2.00 -15.88
N PHE A 25 2.76 -0.98 -15.36
CA PHE A 25 3.27 0.38 -15.41
C PHE A 25 4.64 0.51 -14.71
N ALA A 26 4.86 -0.24 -13.64
CA ALA A 26 6.08 -0.15 -12.87
C ALA A 26 7.09 -1.24 -13.22
N PHE A 27 6.87 -1.98 -14.31
CA PHE A 27 7.71 -3.14 -14.59
C PHE A 27 9.18 -2.73 -14.79
N ASN A 28 9.42 -1.65 -15.51
CA ASN A 28 10.79 -1.23 -15.80
C ASN A 28 11.47 -0.60 -14.59
N ALA A 29 10.72 -0.14 -13.60
CA ALA A 29 11.26 0.48 -12.40
C ALA A 29 11.46 -0.50 -11.24
N ALA A 30 11.02 -1.75 -11.40
CA ALA A 30 10.90 -2.64 -10.24
C ALA A 30 12.23 -2.89 -9.56
N GLU A 31 13.29 -3.14 -10.34
CA GLU A 31 14.56 -3.49 -9.71
C GLU A 31 15.06 -2.35 -8.80
N GLN A 32 14.95 -1.10 -9.25
CA GLN A 32 15.34 0.02 -8.40
C GLN A 32 14.39 0.15 -7.21
N LEU A 33 13.09 -0.04 -7.44
CA LEU A 33 12.13 0.04 -6.34
C LEU A 33 12.47 -0.97 -5.24
N ILE A 34 12.83 -2.19 -5.63
CA ILE A 34 13.10 -3.22 -4.62
C ILE A 34 14.37 -2.88 -3.84
N ARG A 35 15.40 -2.39 -4.53
CA ARG A 35 16.60 -1.94 -3.84
C ARG A 35 16.26 -0.86 -2.81
N ASP A 36 15.38 0.08 -3.17
CA ASP A 36 15.02 1.16 -2.26
C ASP A 36 14.12 0.67 -1.13
N ILE A 37 13.28 -0.33 -1.37
CA ILE A 37 12.55 -0.97 -0.28
C ILE A 37 13.54 -1.48 0.77
N ASN A 38 14.56 -2.20 0.32
CA ASN A 38 15.54 -2.77 1.23
C ASN A 38 16.25 -1.68 2.01
N ASP A 39 16.60 -0.57 1.35
CA ASP A 39 17.22 0.55 2.03
C ASP A 39 16.30 1.13 3.11
N VAL A 40 15.01 1.29 2.79
CA VAL A 40 14.06 1.81 3.77
C VAL A 40 13.95 0.85 4.94
N ALA A 41 13.82 -0.45 4.65
CA ALA A 41 13.66 -1.47 5.68
C ALA A 41 14.89 -1.64 6.56
N SER A 42 16.07 -1.23 6.08
CA SER A 42 17.25 -1.31 6.93
C SER A 42 17.25 -0.24 8.00
N GLN A 43 16.44 0.82 7.84
CA GLN A 43 16.30 1.87 8.84
C GLN A 43 15.04 1.68 9.68
N SER A 44 13.89 1.44 9.05
CA SER A 44 12.64 1.10 9.74
C SER A 44 12.23 -0.31 9.32
N PRO A 45 12.53 -1.34 10.11
CA PRO A 45 12.29 -2.71 9.65
C PRO A 45 10.82 -3.06 9.51
N PHE A 46 10.56 -4.05 8.65
CA PHE A 46 9.25 -4.67 8.57
C PHE A 46 8.86 -5.21 9.93
N ARG A 47 7.61 -4.96 10.31
CA ARG A 47 7.08 -5.53 11.54
C ARG A 47 5.61 -5.86 11.34
N GLN A 48 5.15 -6.86 12.09
CA GLN A 48 3.75 -7.26 12.07
C GLN A 48 3.02 -6.51 13.18
N MET A 49 2.18 -5.56 12.79
CA MET A 49 1.48 -4.74 13.76
C MET A 49 0.28 -5.49 14.36
N VAL A 50 -0.18 -4.99 15.50
CA VAL A 50 -1.27 -5.59 16.26
C VAL A 50 -2.50 -4.71 16.10
N THR A 51 -3.62 -5.29 15.72
CA THR A 51 -4.81 -4.51 15.44
C THR A 51 -5.45 -4.06 16.75
N PRO A 52 -6.33 -3.06 16.70
CA PRO A 52 -7.05 -2.68 17.92
C PRO A 52 -7.80 -3.84 18.55
N GLY A 53 -8.24 -4.80 17.76
CA GLY A 53 -8.88 -5.99 18.30
C GLY A 53 -7.94 -6.95 19.01
N GLY A 54 -6.63 -6.73 18.94
CA GLY A 54 -5.67 -7.57 19.61
C GLY A 54 -5.04 -8.66 18.77
N TYR A 55 -5.25 -8.64 17.46
CA TYR A 55 -4.76 -9.70 16.57
C TYR A 55 -3.48 -9.25 15.87
N THR A 56 -2.55 -10.17 15.72
CA THR A 56 -1.33 -9.88 15.00
C THR A 56 -1.56 -10.04 13.51
N MET A 57 -1.24 -9.01 12.73
CA MET A 57 -1.43 -9.07 11.29
C MET A 57 -0.42 -10.03 10.67
N SER A 58 -0.84 -10.70 9.59
CA SER A 58 0.09 -11.60 8.90
C SER A 58 0.95 -10.84 7.90
N VAL A 59 0.47 -9.71 7.39
N VAL A 59 0.46 -9.71 7.40
CA VAL A 59 1.27 -8.87 6.51
CA VAL A 59 1.25 -8.84 6.54
C VAL A 59 2.24 -8.04 7.35
C VAL A 59 2.26 -8.08 7.40
N ALA A 60 3.49 -7.98 6.91
CA ALA A 60 4.51 -7.16 7.57
C ALA A 60 4.57 -5.79 6.87
N MET A 61 4.81 -4.75 7.65
CA MET A 61 4.70 -3.39 7.14
C MET A 61 5.86 -2.53 7.63
N THR A 62 6.13 -1.49 6.85
CA THR A 62 6.92 -0.34 7.28
C THR A 62 6.49 0.87 6.44
N ASN A 63 7.12 2.01 6.67
CA ASN A 63 6.74 3.27 6.02
C ASN A 63 7.97 4.10 5.66
N CYS A 64 7.77 5.01 4.71
CA CYS A 64 8.71 6.09 4.42
C CYS A 64 7.91 7.34 4.05
N GLY A 65 8.57 8.50 4.14
CA GLY A 65 7.91 9.78 3.96
C GLY A 65 7.89 10.60 5.24
N HIS A 66 7.14 11.71 5.20
CA HIS A 66 7.00 12.55 6.39
C HIS A 66 6.15 11.88 7.46
N LEU A 67 5.23 11.03 7.05
CA LEU A 67 4.30 10.38 7.96
C LEU A 67 4.20 8.91 7.61
N GLY A 68 3.90 8.09 8.62
CA GLY A 68 3.76 6.66 8.43
C GLY A 68 2.52 6.12 9.12
N TRP A 69 1.83 5.21 8.44
CA TRP A 69 0.65 4.58 8.99
C TRP A 69 1.05 3.54 10.01
N THR A 70 0.43 3.59 11.18
CA THR A 70 0.74 2.60 12.21
C THR A 70 -0.47 2.44 13.12
N THR A 71 -0.49 1.29 13.78
CA THR A 71 -1.36 1.13 14.94
C THR A 71 -0.67 1.77 16.13
N HIS A 72 -1.46 2.33 17.04
CA HIS A 72 -0.91 3.00 18.20
C HIS A 72 -2.04 3.35 19.15
N ARG A 73 -1.82 3.14 20.44
CA ARG A 73 -2.83 3.41 21.46
C ARG A 73 -4.17 2.80 21.08
N GLN A 74 -4.13 1.57 20.55
CA GLN A 74 -5.34 0.80 20.24
C GLN A 74 -6.20 1.51 19.19
N GLY A 75 -5.54 2.03 18.16
CA GLY A 75 -6.22 2.63 17.03
C GLY A 75 -5.23 2.81 15.90
N TYR A 76 -5.71 3.39 14.79
CA TYR A 76 -4.88 3.67 13.63
C TYR A 76 -4.63 5.16 13.50
N LEU A 77 -3.41 5.52 13.11
CA LEU A 77 -3.09 6.94 12.91
C LEU A 77 -1.83 7.06 12.06
N TYR A 78 -1.56 8.29 11.64
CA TYR A 78 -0.30 8.64 11.00
C TYR A 78 0.61 9.31 12.02
N SER A 79 1.85 8.86 12.08
CA SER A 79 2.83 9.38 13.03
C SER A 79 4.09 9.81 12.27
N PRO A 80 4.73 10.90 12.69
CA PRO A 80 6.05 11.22 12.12
C PRO A 80 7.19 10.40 12.70
N ILE A 81 6.94 9.59 13.73
CA ILE A 81 7.98 8.80 14.37
C ILE A 81 7.61 7.33 14.24
N ASP A 82 8.62 6.50 13.98
CA ASP A 82 8.47 5.05 13.97
C ASP A 82 8.47 4.56 15.42
N PRO A 83 7.36 3.97 15.91
CA PRO A 83 7.34 3.57 17.33
C PRO A 83 8.28 2.44 17.67
N GLN A 84 8.81 1.72 16.68
CA GLN A 84 9.75 0.63 16.93
C GLN A 84 11.19 1.11 17.02
N THR A 85 11.54 2.17 16.30
CA THR A 85 12.89 2.73 16.34
C THR A 85 13.00 3.98 17.17
N ASN A 86 11.88 4.67 17.41
CA ASN A 86 11.86 5.98 18.05
C ASN A 86 12.61 7.04 17.22
N LYS A 87 12.73 6.82 15.92
CA LYS A 87 13.32 7.78 14.98
C LYS A 87 12.29 8.09 13.91
N PRO A 88 12.47 9.16 13.14
CA PRO A 88 11.56 9.41 12.02
C PRO A 88 11.60 8.26 11.03
N TRP A 89 10.49 8.09 10.31
CA TRP A 89 10.51 7.18 9.18
C TRP A 89 11.56 7.65 8.17
N PRO A 90 12.16 6.73 7.41
CA PRO A 90 13.09 7.16 6.37
C PRO A 90 12.42 8.08 5.37
N ALA A 91 13.21 8.97 4.78
CA ALA A 91 12.69 9.84 3.74
C ALA A 91 12.18 9.01 2.57
N MET A 92 11.23 9.55 1.84
CA MET A 92 10.72 8.85 0.68
C MET A 92 11.80 8.83 -0.41
N PRO A 93 12.17 7.65 -0.92
CA PRO A 93 13.16 7.60 -2.01
C PRO A 93 12.66 8.36 -3.24
N GLN A 94 13.61 8.93 -3.97
CA GLN A 94 13.27 9.67 -5.18
C GLN A 94 12.60 8.75 -6.21
N SER A 95 13.03 7.49 -6.28
CA SER A 95 12.42 6.56 -7.23
C SER A 95 10.94 6.35 -6.93
N PHE A 96 10.58 6.30 -5.65
CA PHE A 96 9.18 6.19 -5.24
C PHE A 96 8.39 7.42 -5.68
N HIS A 97 8.92 8.61 -5.34
CA HIS A 97 8.21 9.84 -5.65
C HIS A 97 7.98 9.99 -7.14
N ASN A 98 9.02 9.72 -7.94
CA ASN A 98 8.90 9.90 -9.38
C ASN A 98 7.92 8.92 -10.00
N LEU A 99 7.95 7.65 -9.58
CA LEU A 99 6.98 6.67 -10.07
C LEU A 99 5.56 7.08 -9.71
N CYS A 100 5.34 7.48 -8.46
CA CYS A 100 4.01 7.85 -8.03
C CYS A 100 3.50 9.06 -8.82
N GLN A 101 4.36 10.07 -9.01
CA GLN A 101 3.92 11.26 -9.75
C GLN A 101 3.60 10.93 -11.19
N ARG A 102 4.41 10.07 -11.83
CA ARG A 102 4.14 9.69 -13.22
C ARG A 102 2.83 8.92 -13.31
N ALA A 103 2.58 8.04 -12.35
CA ALA A 103 1.35 7.26 -12.37
C ALA A 103 0.14 8.15 -12.12
N ALA A 104 0.22 9.02 -11.12
CA ALA A 104 -0.91 9.88 -10.79
C ALA A 104 -1.22 10.83 -11.94
N THR A 105 -0.19 11.38 -12.58
CA THR A 105 -0.41 12.27 -13.71
C THR A 105 -1.03 11.53 -14.88
N ALA A 106 -0.56 10.33 -15.18
CA ALA A 106 -1.15 9.56 -16.27
C ALA A 106 -2.62 9.26 -16.02
N ALA A 107 -3.00 9.06 -14.75
CA ALA A 107 -4.38 8.70 -14.42
C ALA A 107 -5.30 9.91 -14.25
N GLY A 108 -4.78 11.13 -14.30
CA GLY A 108 -5.61 12.32 -14.21
C GLY A 108 -5.59 13.03 -12.88
N TYR A 109 -4.57 12.82 -12.06
CA TYR A 109 -4.45 13.43 -10.74
C TYR A 109 -3.11 14.16 -10.63
N PRO A 110 -2.90 15.20 -11.47
CA PRO A 110 -1.61 15.88 -11.45
C PRO A 110 -1.31 16.62 -10.15
N ASP A 111 -2.33 16.96 -9.36
CA ASP A 111 -2.13 17.72 -8.13
C ASP A 111 -1.79 16.83 -6.93
N PHE A 112 -1.80 15.51 -7.10
CA PHE A 112 -1.54 14.60 -5.99
C PHE A 112 -0.11 14.77 -5.48
N GLN A 113 0.03 15.00 -4.19
CA GLN A 113 1.35 15.21 -3.57
C GLN A 113 1.44 14.30 -2.35
N PRO A 114 1.93 13.08 -2.51
CA PRO A 114 1.98 12.16 -1.37
C PRO A 114 3.06 12.57 -0.38
N ASP A 115 2.77 12.33 0.89
CA ASP A 115 3.75 12.55 1.94
C ASP A 115 3.92 11.32 2.82
N ALA A 116 3.36 10.18 2.40
CA ALA A 116 3.47 8.93 3.14
C ALA A 116 3.40 7.78 2.16
N CYS A 117 4.20 6.74 2.40
CA CYS A 117 4.15 5.52 1.62
C CYS A 117 4.21 4.32 2.55
N LEU A 118 3.12 3.56 2.60
CA LEU A 118 3.06 2.32 3.35
C LEU A 118 3.59 1.19 2.49
N ILE A 119 4.48 0.38 3.05
CA ILE A 119 5.10 -0.73 2.34
C ILE A 119 4.66 -2.02 3.02
N ASN A 120 3.96 -2.88 2.28
CA ASN A 120 3.48 -4.16 2.77
C ASN A 120 4.30 -5.30 2.17
N ARG A 121 4.66 -6.28 3.00
CA ARG A 121 5.33 -7.50 2.55
C ARG A 121 4.47 -8.70 2.90
N TYR A 122 4.13 -9.50 1.88
CA TYR A 122 3.30 -10.69 2.00
C TYR A 122 4.15 -11.93 1.76
N ALA A 123 4.32 -12.76 2.79
CA ALA A 123 4.83 -14.10 2.61
C ALA A 123 3.71 -15.06 2.23
N PRO A 124 4.04 -16.24 1.74
CA PRO A 124 3.00 -17.22 1.42
C PRO A 124 2.05 -17.44 2.59
N GLY A 125 0.76 -17.43 2.29
CA GLY A 125 -0.27 -17.57 3.29
C GLY A 125 -0.73 -16.26 3.92
N ALA A 126 0.02 -15.18 3.78
CA ALA A 126 -0.39 -13.91 4.35
C ALA A 126 -1.58 -13.34 3.60
N LYS A 127 -2.42 -12.61 4.33
CA LYS A 127 -3.64 -12.03 3.79
C LYS A 127 -3.90 -10.70 4.49
N LEU A 128 -4.87 -9.96 3.97
CA LEU A 128 -5.31 -8.70 4.57
C LEU A 128 -6.83 -8.66 4.44
N SER A 129 -7.53 -8.70 5.57
CA SER A 129 -8.98 -8.77 5.57
CA SER A 129 -8.98 -8.80 5.50
C SER A 129 -9.59 -7.47 5.10
N LEU A 130 -10.88 -7.52 4.77
CA LEU A 130 -11.58 -6.36 4.22
C LEU A 130 -11.54 -5.16 5.16
N HIS A 131 -11.25 -3.99 4.60
CA HIS A 131 -11.19 -2.76 5.36
C HIS A 131 -11.35 -1.59 4.39
N GLN A 132 -11.62 -0.42 4.97
CA GLN A 132 -11.53 0.85 4.29
C GLN A 132 -10.32 1.63 4.79
N ASP A 133 -9.80 2.49 3.93
CA ASP A 133 -8.71 3.42 4.25
C ASP A 133 -9.35 4.78 4.50
N LYS A 134 -9.50 5.14 5.78
N LYS A 134 -9.52 5.14 5.78
CA LYS A 134 -10.21 6.37 6.14
CA LYS A 134 -10.20 6.39 6.13
C LYS A 134 -9.45 7.20 7.17
C LYS A 134 -9.44 7.20 7.18
N ASP A 135 -8.14 7.02 7.29
CA ASP A 135 -7.34 7.78 8.24
C ASP A 135 -6.78 9.08 7.66
N GLU A 136 -6.96 9.32 6.38
CA GLU A 136 -6.39 10.47 5.68
C GLU A 136 -7.34 11.66 5.81
N PRO A 137 -6.82 12.89 5.92
CA PRO A 137 -7.72 14.02 6.19
C PRO A 137 -8.61 14.40 5.00
N ASP A 138 -8.14 14.23 3.77
CA ASP A 138 -8.92 14.59 2.58
C ASP A 138 -9.17 13.32 1.77
N LEU A 139 -10.39 12.79 1.87
CA LEU A 139 -10.74 11.55 1.17
C LEU A 139 -10.97 11.77 -0.32
N ARG A 140 -10.82 12.99 -0.82
CA ARG A 140 -10.83 13.23 -2.26
C ARG A 140 -9.48 12.90 -2.90
N ALA A 141 -8.42 12.85 -2.12
CA ALA A 141 -7.12 12.51 -2.69
C ALA A 141 -7.04 11.01 -2.94
N PRO A 142 -6.50 10.59 -4.08
CA PRO A 142 -6.42 9.16 -4.38
C PRO A 142 -5.36 8.47 -3.53
N ILE A 143 -5.35 7.15 -3.64
CA ILE A 143 -4.25 6.31 -3.18
C ILE A 143 -3.67 5.61 -4.40
N VAL A 144 -2.35 5.66 -4.54
CA VAL A 144 -1.65 4.99 -5.64
C VAL A 144 -1.04 3.70 -5.08
N SER A 145 -1.39 2.56 -5.69
CA SER A 145 -0.95 1.25 -5.25
C SER A 145 -0.05 0.60 -6.30
N VAL A 146 1.11 0.08 -5.86
CA VAL A 146 2.11 -0.52 -6.72
C VAL A 146 2.38 -1.94 -6.24
N SER A 147 2.26 -2.92 -7.13
CA SER A 147 2.45 -4.33 -6.79
C SER A 147 3.77 -4.85 -7.36
N LEU A 148 4.49 -5.61 -6.55
CA LEU A 148 5.77 -6.19 -6.95
C LEU A 148 5.84 -7.64 -6.48
N GLY A 149 6.38 -8.51 -7.34
CA GLY A 149 6.58 -9.90 -6.96
C GLY A 149 5.43 -10.84 -7.28
N LEU A 150 5.14 -11.73 -6.34
CA LEU A 150 4.17 -12.77 -6.58
C LEU A 150 2.78 -12.20 -6.79
N PRO A 151 1.96 -12.85 -7.61
CA PRO A 151 0.60 -12.34 -7.84
C PRO A 151 -0.31 -12.56 -6.65
N ALA A 152 -1.28 -11.67 -6.50
CA ALA A 152 -2.26 -11.74 -5.42
C ALA A 152 -3.64 -11.46 -5.98
N ILE A 153 -4.65 -12.04 -5.32
CA ILE A 153 -6.04 -11.75 -5.64
C ILE A 153 -6.48 -10.62 -4.73
N PHE A 154 -6.74 -9.47 -5.34
CA PHE A 154 -7.27 -8.30 -4.66
C PHE A 154 -8.79 -8.39 -4.70
N GLN A 155 -9.43 -8.26 -3.55
CA GLN A 155 -10.89 -8.30 -3.48
C GLN A 155 -11.40 -6.95 -3.03
N PHE A 156 -12.50 -6.51 -3.62
CA PHE A 156 -13.11 -5.25 -3.24
C PHE A 156 -14.61 -5.34 -3.38
N GLY A 157 -15.30 -4.66 -2.49
CA GLY A 157 -16.76 -4.62 -2.50
C GLY A 157 -17.26 -3.23 -2.83
N GLY A 158 -17.91 -2.59 -1.87
CA GLY A 158 -18.45 -1.26 -2.07
C GLY A 158 -18.25 -0.38 -0.87
N LEU A 159 -19.15 0.61 -0.72
CA LEU A 159 -19.13 1.52 0.43
C LEU A 159 -19.67 0.86 1.69
N LYS A 160 -20.49 -0.18 1.55
CA LYS A 160 -21.02 -0.91 2.69
C LYS A 160 -20.31 -2.26 2.81
N ARG A 161 -20.14 -2.71 4.06
CA ARG A 161 -19.43 -3.95 4.30
C ARG A 161 -20.08 -5.13 3.59
N ASN A 162 -21.39 -5.06 3.37
CA ASN A 162 -22.15 -6.18 2.84
C ASN A 162 -22.29 -6.14 1.32
N ASP A 163 -21.67 -5.17 0.65
CA ASP A 163 -21.84 -5.06 -0.79
C ASP A 163 -21.16 -6.24 -1.49
N PRO A 164 -21.64 -6.63 -2.67
CA PRO A 164 -21.05 -7.78 -3.37
C PRO A 164 -19.57 -7.60 -3.64
N LEU A 165 -18.84 -8.71 -3.56
CA LEU A 165 -17.40 -8.69 -3.76
C LEU A 165 -17.03 -8.94 -5.22
N LYS A 166 -16.00 -8.24 -5.66
CA LYS A 166 -15.34 -8.51 -6.93
C LYS A 166 -13.89 -8.85 -6.66
N ARG A 167 -13.24 -9.49 -7.61
CA ARG A 167 -11.87 -9.95 -7.45
C ARG A 167 -11.06 -9.60 -8.69
N LEU A 168 -9.80 -9.27 -8.47
CA LEU A 168 -8.91 -8.80 -9.52
C LEU A 168 -7.50 -9.28 -9.22
N LEU A 169 -6.89 -9.99 -10.15
CA LEU A 169 -5.51 -10.41 -9.99
C LEU A 169 -4.57 -9.24 -10.22
N LEU A 170 -3.68 -9.02 -9.28
CA LEU A 170 -2.66 -7.99 -9.38
C LEU A 170 -1.30 -8.66 -9.53
N GLU A 171 -0.58 -8.31 -10.58
CA GLU A 171 0.68 -8.95 -10.93
C GLU A 171 1.83 -7.95 -10.81
N HIS A 172 3.03 -8.51 -10.84
CA HIS A 172 4.27 -7.74 -10.77
C HIS A 172 4.25 -6.55 -11.72
N GLY A 173 4.41 -5.36 -11.15
CA GLY A 173 4.47 -4.12 -11.92
C GLY A 173 3.15 -3.39 -12.07
N ASP A 174 2.04 -3.99 -11.65
CA ASP A 174 0.74 -3.34 -11.83
C ASP A 174 0.61 -2.17 -10.86
N VAL A 175 0.09 -1.05 -11.38
CA VAL A 175 -0.23 0.13 -10.59
C VAL A 175 -1.73 0.37 -10.70
N VAL A 176 -2.36 0.67 -9.56
CA VAL A 176 -3.76 1.06 -9.54
C VAL A 176 -3.87 2.40 -8.82
N VAL A 177 -4.54 3.36 -9.46
CA VAL A 177 -4.87 4.63 -8.83
C VAL A 177 -6.33 4.54 -8.38
N TRP A 178 -6.53 4.55 -7.08
CA TRP A 178 -7.85 4.44 -6.49
C TRP A 178 -8.37 5.85 -6.21
N GLY A 179 -9.20 6.35 -7.13
CA GLY A 179 -9.81 7.66 -7.00
C GLY A 179 -11.32 7.55 -6.99
N GLY A 180 -11.96 8.71 -6.84
CA GLY A 180 -13.41 8.78 -6.86
C GLY A 180 -14.03 7.85 -5.84
N GLU A 181 -15.10 7.17 -6.25
CA GLU A 181 -15.82 6.28 -5.33
C GLU A 181 -14.94 5.11 -4.88
N SER A 182 -14.13 4.55 -5.78
CA SER A 182 -13.32 3.38 -5.43
C SER A 182 -12.37 3.65 -4.28
N ARG A 183 -12.02 4.93 -4.05
CA ARG A 183 -11.16 5.29 -2.94
C ARG A 183 -11.73 4.86 -1.60
N LEU A 184 -13.05 4.72 -1.51
CA LEU A 184 -13.71 4.36 -0.25
C LEU A 184 -14.22 2.93 -0.21
N PHE A 185 -13.95 2.11 -1.23
CA PHE A 185 -14.39 0.72 -1.20
C PHE A 185 -13.72 -0.06 -0.08
N TYR A 186 -14.48 -0.98 0.52
CA TYR A 186 -13.88 -2.06 1.29
C TYR A 186 -13.02 -2.93 0.37
N HIS A 187 -11.85 -3.34 0.86
CA HIS A 187 -10.91 -4.07 0.02
C HIS A 187 -9.96 -4.90 0.89
N GLY A 188 -9.36 -5.90 0.25
CA GLY A 188 -8.44 -6.77 0.95
C GLY A 188 -7.69 -7.65 -0.03
N ILE A 189 -6.87 -8.53 0.53
CA ILE A 189 -6.01 -9.44 -0.23
C ILE A 189 -6.25 -10.85 0.29
N GLN A 190 -6.43 -11.80 -0.63
CA GLN A 190 -6.62 -13.20 -0.27
C GLN A 190 -5.28 -13.87 0.02
N PRO A 191 -5.30 -14.95 0.81
CA PRO A 191 -4.06 -15.67 1.13
C PRO A 191 -3.14 -15.87 -0.06
N LEU A 192 -1.89 -15.41 0.09
CA LEU A 192 -0.94 -15.45 -1.01
C LEU A 192 -0.52 -16.90 -1.31
N LYS A 193 -0.63 -17.28 -2.58
CA LYS A 193 -0.16 -18.58 -3.02
C LYS A 193 1.36 -18.60 -3.04
N ALA A 194 1.95 -19.71 -2.62
CA ALA A 194 3.39 -19.85 -2.66
C ALA A 194 3.87 -19.98 -4.11
N GLY A 195 5.04 -19.44 -4.37
CA GLY A 195 5.59 -19.50 -5.71
C GLY A 195 6.98 -18.89 -5.72
N PHE A 196 7.47 -18.67 -6.93
CA PHE A 196 8.79 -18.08 -7.14
C PHE A 196 8.67 -16.85 -8.03
N HIS A 197 9.37 -15.78 -7.65
CA HIS A 197 9.52 -14.63 -8.52
C HIS A 197 11.00 -14.28 -8.60
N PRO A 198 11.52 -14.02 -9.80
CA PRO A 198 12.98 -13.83 -9.92
C PRO A 198 13.53 -12.63 -9.16
N LEU A 199 12.74 -11.59 -8.91
CA LEU A 199 13.24 -10.40 -8.22
C LEU A 199 12.94 -10.37 -6.73
N THR A 200 11.80 -10.92 -6.29
CA THR A 200 11.46 -10.93 -4.87
C THR A 200 11.66 -12.30 -4.23
N ILE A 201 11.94 -13.34 -5.02
CA ILE A 201 12.18 -14.70 -4.57
C ILE A 201 10.88 -15.35 -4.13
N ASP A 202 10.35 -14.96 -2.96
CA ASP A 202 9.25 -15.73 -2.39
C ASP A 202 8.15 -14.87 -1.77
N CYS A 203 8.06 -13.59 -2.12
CA CYS A 203 7.11 -12.70 -1.47
C CYS A 203 6.52 -11.72 -2.48
N ARG A 204 5.51 -11.00 -2.02
CA ARG A 204 4.91 -9.87 -2.71
C ARG A 204 5.13 -8.61 -1.89
N TYR A 205 5.49 -7.52 -2.56
CA TYR A 205 5.49 -6.20 -1.93
C TYR A 205 4.37 -5.36 -2.54
N ASN A 206 3.73 -4.55 -1.71
CA ASN A 206 2.79 -3.55 -2.18
C ASN A 206 3.15 -2.21 -1.55
N LEU A 207 3.20 -1.17 -2.38
CA LEU A 207 3.40 0.21 -1.95
C LEU A 207 2.09 0.97 -2.12
N THR A 208 1.64 1.68 -1.09
CA THR A 208 0.48 2.56 -1.23
C THR A 208 0.88 3.97 -0.81
N PHE A 209 0.84 4.90 -1.77
CA PHE A 209 1.16 6.30 -1.58
C PHE A 209 -0.08 7.06 -1.13
N ARG A 210 0.08 7.87 -0.08
CA ARG A 210 -1.03 8.56 0.54
C ARG A 210 -0.71 10.03 0.78
N GLN A 211 -1.74 10.85 0.73
CA GLN A 211 -1.68 12.24 1.18
C GLN A 211 -2.24 12.22 2.60
N ALA A 212 -1.34 12.17 3.58
CA ALA A 212 -1.74 12.00 4.97
C ALA A 212 -1.67 13.30 5.77
N GLY A 213 -0.86 14.26 5.35
CA GLY A 213 -0.77 15.52 6.07
C GLY A 213 -1.96 16.42 5.78
N LYS A 214 -2.44 17.09 6.83
CA LYS A 214 -3.55 18.04 6.71
C LYS A 214 -2.98 19.38 6.27
N LYS A 215 -2.63 19.44 5.00
CA LYS A 215 -2.03 20.64 4.41
C LYS A 215 -2.68 20.96 3.07
#